data_8SC9
#
_entry.id   8SC9
#
_cell.length_a   93.205
_cell.length_b   61.383
_cell.length_c   118.741
_cell.angle_alpha   90
_cell.angle_beta   102.52
_cell.angle_gamma   90
#
_symmetry.space_group_name_H-M   'C 1 2 1'
#
loop_
_entity.id
_entity.type
_entity.pdbx_description
1 polymer 'Peroxisome proliferator-activated receptor gamma'
2 non-polymer 'SULFATE ION'
3 non-polymer TRIS(HYDROXYETHYL)AMINOMETHANE
4 non-polymer N-[(5P)-2-chloro-5-(4-{[(1R)-1-phenylethyl]amino}quinazolin-6-yl)pyridin-3-yl]methanesulfonamide
5 water water
#
_entity_poly.entity_id   1
_entity_poly.type   'polypeptide(L)'
_entity_poly.pdbx_seq_one_letter_code
;GSHMLNPESADLRALAKHLYDSYIKSFPLTKAKARAILTGKTTDKSPFVIYDMNSLMMGEDKIKFKHITPLQEQSKEVAI
RIFQGCQFRSVEAVQEITEYAKSIPGFVNLDLNDQVTLLKYGVHEIIYTMLASLMNKDGVLISEGQGFMTREFLKSLRKP
FGDFMEPKFEFAVKFNALELDDSDLAIFIAVIILSGDRPGLLNVKPIEDIQDNLLQALELQLKLNHPESSQLFAKLLQKM
TDLRQIVTEHVQLLQVIKKTETDMSLHPLLQEIYKDLY
;
_entity_poly.pdbx_strand_id   A,B
#
loop_
_chem_comp.id
_chem_comp.type
_chem_comp.name
_chem_comp.formula
D0D non-polymer N-[(5P)-2-chloro-5-(4-{[(1R)-1-phenylethyl]amino}quinazolin-6-yl)pyridin-3-yl]methanesulfonamide 'C22 H20 Cl N5 O2 S'
SO4 non-polymer 'SULFATE ION' 'O4 S -2'
TAM non-polymer TRIS(HYDROXYETHYL)AMINOMETHANE 'C7 H17 N O3'
#
# COMPACT_ATOMS: atom_id res chain seq x y z
N LEU A 5 -6.94 7.71 -31.59
CA LEU A 5 -6.03 7.74 -32.74
C LEU A 5 -5.36 6.38 -32.98
N ASN A 6 -5.93 5.30 -32.42
CA ASN A 6 -5.36 3.97 -32.55
C ASN A 6 -6.44 2.92 -32.24
N PRO A 7 -6.51 1.78 -32.95
CA PRO A 7 -7.56 0.80 -32.64
C PRO A 7 -7.61 0.42 -31.15
N GLU A 8 -6.45 0.23 -30.51
CA GLU A 8 -6.41 -0.13 -29.10
C GLU A 8 -6.86 1.03 -28.22
N SER A 9 -6.34 2.24 -28.47
CA SER A 9 -6.75 3.40 -27.67
C SER A 9 -8.23 3.74 -27.87
N ALA A 10 -8.86 3.31 -28.99
CA ALA A 10 -10.29 3.50 -29.19
C ALA A 10 -11.08 2.55 -28.28
N ASP A 11 -10.59 1.30 -28.10
CA ASP A 11 -11.22 0.33 -27.21
C ASP A 11 -11.12 0.79 -25.75
N LEU A 12 -10.02 1.45 -25.38
CA LEU A 12 -9.83 1.93 -24.02
C LEU A 12 -10.77 3.10 -23.73
N ARG A 13 -11.02 3.95 -24.75
CA ARG A 13 -11.96 5.07 -24.63
C ARG A 13 -13.39 4.54 -24.49
N ALA A 14 -13.71 3.46 -25.20
CA ALA A 14 -15.03 2.83 -25.14
C ALA A 14 -15.25 2.23 -23.75
N LEU A 15 -14.20 1.60 -23.19
CA LEU A 15 -14.27 1.00 -21.85
C LEU A 15 -14.45 2.10 -20.80
N ALA A 16 -13.72 3.21 -20.93
CA ALA A 16 -13.85 4.36 -20.02
C ALA A 16 -15.28 4.91 -20.04
N LYS A 17 -15.87 5.03 -21.24
CA LYS A 17 -17.22 5.58 -21.37
C LYS A 17 -18.25 4.60 -20.84
N HIS A 18 -18.07 3.31 -21.09
CA HIS A 18 -18.95 2.29 -20.54
C HIS A 18 -19.00 2.37 -19.01
N LEU A 19 -17.84 2.40 -18.36
CA LEU A 19 -17.77 2.43 -16.90
C LEU A 19 -18.32 3.74 -16.32
N TYR A 20 -18.04 4.89 -16.96
CA TYR A 20 -18.60 6.16 -16.49
C TYR A 20 -20.12 6.13 -16.55
N ASP A 21 -20.65 5.58 -17.63
CA ASP A 21 -22.09 5.43 -17.82
C ASP A 21 -22.70 4.56 -16.70
N SER A 22 -22.05 3.44 -16.38
CA SER A 22 -22.53 2.52 -15.35
CA SER A 22 -22.52 2.52 -15.34
C SER A 22 -22.38 3.13 -13.94
N TYR A 23 -21.33 3.91 -13.73
CA TYR A 23 -21.09 4.60 -12.46
C TYR A 23 -22.21 5.62 -12.20
N ILE A 24 -22.64 6.36 -13.23
CA ILE A 24 -23.73 7.33 -13.08
C ILE A 24 -25.03 6.61 -12.72
N LYS A 25 -25.28 5.44 -13.34
CA LYS A 25 -26.49 4.68 -13.08
C LYS A 25 -26.47 3.97 -11.73
N SER A 26 -25.30 3.64 -11.19
CA SER A 26 -25.22 2.94 -9.90
C SER A 26 -25.15 3.86 -8.68
N PHE A 27 -24.53 5.03 -8.81
CA PHE A 27 -24.31 5.90 -7.64
C PHE A 27 -25.14 7.19 -7.73
N PRO A 28 -26.20 7.33 -6.94
CA PRO A 28 -27.05 8.51 -7.10
C PRO A 28 -26.39 9.85 -6.76
N LEU A 29 -25.48 9.91 -5.75
CA LEU A 29 -24.82 11.17 -5.42
C LEU A 29 -23.40 11.18 -6.00
N THR A 30 -23.22 11.84 -7.15
CA THR A 30 -21.91 11.90 -7.81
C THR A 30 -21.01 12.94 -7.12
N LYS A 31 -19.71 12.94 -7.45
CA LYS A 31 -18.80 13.96 -6.95
C LYS A 31 -19.20 15.34 -7.51
N ALA A 32 -19.62 15.40 -8.79
CA ALA A 32 -20.07 16.66 -9.39
C ALA A 32 -21.25 17.27 -8.62
N LYS A 33 -22.25 16.46 -8.25
CA LYS A 33 -23.38 16.95 -7.46
C LYS A 33 -22.93 17.37 -6.06
N ALA A 34 -22.06 16.56 -5.42
CA ALA A 34 -21.54 16.88 -4.11
C ALA A 34 -20.78 18.22 -4.10
N ARG A 35 -19.94 18.49 -5.12
CA ARG A 35 -19.19 19.73 -5.19
CA ARG A 35 -19.18 19.73 -5.20
C ARG A 35 -20.11 20.91 -5.43
N ALA A 36 -21.17 20.71 -6.20
CA ALA A 36 -22.12 21.78 -6.44
C ALA A 36 -22.78 22.16 -5.12
N ILE A 37 -23.07 21.16 -4.26
CA ILE A 37 -23.67 21.39 -2.95
C ILE A 37 -22.65 22.04 -2.02
N LEU A 38 -21.42 21.51 -1.95
CA LEU A 38 -20.40 22.01 -1.02
C LEU A 38 -19.92 23.43 -1.35
N THR A 39 -19.92 23.83 -2.63
CA THR A 39 -19.43 25.15 -3.02
C THR A 39 -20.58 26.14 -3.37
N GLY A 40 -21.77 25.93 -2.82
CA GLY A 40 -22.91 26.81 -3.02
C GLY A 40 -23.27 27.14 -4.46
N LYS A 41 -23.35 26.13 -5.34
CA LYS A 41 -23.75 26.36 -6.73
C LYS A 41 -25.27 26.41 -6.89
N THR A 42 -25.76 27.06 -7.97
CA THR A 42 -27.19 27.29 -8.19
C THR A 42 -27.94 26.10 -8.78
N THR A 43 -27.24 25.02 -9.15
CA THR A 43 -27.89 23.82 -9.66
C THR A 43 -28.45 22.95 -8.53
N ASP A 44 -28.06 23.20 -7.26
CA ASP A 44 -28.47 22.35 -6.15
C ASP A 44 -28.77 23.12 -4.86
N LYS A 45 -29.43 22.44 -3.92
CA LYS A 45 -29.88 23.09 -2.69
C LYS A 45 -28.82 23.08 -1.60
N SER A 46 -28.79 24.15 -0.81
CA SER A 46 -27.87 24.26 0.30
C SER A 46 -28.28 23.28 1.41
N PRO A 47 -27.30 22.68 2.08
CA PRO A 47 -27.61 21.68 3.13
C PRO A 47 -27.84 22.28 4.51
N PHE A 48 -28.57 21.55 5.36
CA PHE A 48 -28.75 21.92 6.75
C PHE A 48 -27.48 21.48 7.48
N VAL A 49 -26.88 22.36 8.28
CA VAL A 49 -25.61 22.06 8.91
C VAL A 49 -25.73 21.58 10.37
N ILE A 50 -25.13 20.43 10.67
CA ILE A 50 -25.10 19.89 12.03
C ILE A 50 -23.69 20.09 12.59
N TYR A 51 -23.56 21.03 13.54
CA TYR A 51 -22.28 21.40 14.14
C TYR A 51 -22.26 21.20 15.66
N ASP A 52 -23.41 20.87 16.27
CA ASP A 52 -23.51 20.66 17.71
C ASP A 52 -24.80 19.89 18.04
N MET A 53 -25.07 19.64 19.33
CA MET A 53 -26.23 18.84 19.74
C MET A 53 -27.57 19.49 19.36
N ASN A 54 -27.72 20.80 19.54
CA ASN A 54 -28.98 21.48 19.19
C ASN A 54 -29.28 21.38 17.70
N SER A 55 -28.29 21.69 16.85
CA SER A 55 -28.49 21.59 15.41
C SER A 55 -28.78 20.14 15.00
N LEU A 56 -28.22 19.16 15.73
CA LEU A 56 -28.49 17.76 15.46
C LEU A 56 -29.96 17.42 15.70
N MET A 57 -30.54 17.93 16.80
CA MET A 57 -31.94 17.68 17.12
C MET A 57 -32.87 18.44 16.17
N MET A 58 -32.48 19.64 15.74
CA MET A 58 -33.27 20.39 14.77
C MET A 58 -33.13 19.75 13.38
N GLY A 59 -31.99 19.13 13.11
CA GLY A 59 -31.74 18.40 11.87
C GLY A 59 -32.53 17.12 11.76
N GLU A 60 -32.78 16.45 12.89
CA GLU A 60 -33.60 15.25 12.90
C GLU A 60 -35.07 15.58 12.57
N ASP A 61 -35.50 16.82 12.82
CA ASP A 61 -36.83 17.29 12.47
C ASP A 61 -36.85 17.73 11.00
N LYS A 62 -35.86 18.57 10.60
CA LYS A 62 -35.75 19.07 9.24
C LYS A 62 -35.62 17.93 8.22
N ILE A 63 -34.74 16.95 8.52
CA ILE A 63 -34.49 15.84 7.59
C ILE A 63 -35.31 14.61 7.96
N LYS A 76 -30.86 4.82 22.63
CA LYS A 76 -29.55 5.01 22.01
C LYS A 76 -29.05 6.43 22.22
N GLU A 77 -27.78 6.59 22.57
CA GLU A 77 -27.19 7.92 22.74
C GLU A 77 -26.87 8.53 21.38
N VAL A 78 -26.51 9.81 21.35
CA VAL A 78 -26.18 10.52 20.12
C VAL A 78 -25.11 9.79 19.30
N ALA A 79 -23.95 9.47 19.91
CA ALA A 79 -22.84 8.84 19.20
C ALA A 79 -23.21 7.50 18.55
N ILE A 80 -23.92 6.63 19.29
CA ILE A 80 -24.33 5.33 18.76
C ILE A 80 -25.38 5.52 17.66
N ARG A 81 -26.25 6.53 17.79
CA ARG A 81 -27.27 6.81 16.77
C ARG A 81 -26.62 7.31 15.46
N ILE A 82 -25.55 8.11 15.56
CA ILE A 82 -24.81 8.58 14.38
C ILE A 82 -24.03 7.40 13.78
N PHE A 83 -23.41 6.57 14.62
CA PHE A 83 -22.67 5.40 14.18
C PHE A 83 -23.58 4.42 13.44
N GLN A 84 -24.79 4.21 13.95
CA GLN A 84 -25.76 3.33 13.31
C GLN A 84 -26.16 3.88 11.93
N GLY A 85 -26.32 5.20 11.83
CA GLY A 85 -26.63 5.85 10.58
C GLY A 85 -25.53 5.65 9.55
N CYS A 86 -24.26 5.75 9.97
N CYS A 86 -24.28 5.74 9.99
CA CYS A 86 -23.12 5.53 9.07
CA CYS A 86 -23.10 5.53 9.14
C CYS A 86 -23.10 4.10 8.57
C CYS A 86 -23.09 4.11 8.58
N GLN A 87 -23.37 3.11 9.43
CA GLN A 87 -23.37 1.71 9.02
C GLN A 87 -24.56 1.40 8.11
N PHE A 88 -25.68 2.12 8.27
CA PHE A 88 -26.81 1.97 7.37
C PHE A 88 -26.44 2.46 5.98
N ARG A 89 -25.79 3.62 5.90
CA ARG A 89 -25.38 4.17 4.61
C ARG A 89 -24.29 3.30 3.95
N SER A 90 -23.42 2.68 4.76
CA SER A 90 -22.38 1.81 4.23
C SER A 90 -23.01 0.56 3.60
N VAL A 91 -24.08 0.03 4.21
CA VAL A 91 -24.82 -1.10 3.65
C VAL A 91 -25.42 -0.70 2.31
N GLU A 92 -25.99 0.51 2.23
CA GLU A 92 -26.55 1.01 0.98
C GLU A 92 -25.46 1.09 -0.07
N ALA A 93 -24.29 1.63 0.29
CA ALA A 93 -23.16 1.74 -0.62
C ALA A 93 -22.68 0.36 -1.12
N VAL A 94 -22.66 -0.66 -0.25
CA VAL A 94 -22.27 -2.00 -0.68
C VAL A 94 -23.15 -2.49 -1.82
N GLN A 95 -24.45 -2.17 -1.73
CA GLN A 95 -25.46 -2.56 -2.72
C GLN A 95 -25.17 -1.84 -4.03
N GLU A 96 -24.82 -0.56 -3.96
CA GLU A 96 -24.52 0.25 -5.14
C GLU A 96 -23.22 -0.22 -5.79
N ILE A 97 -22.21 -0.52 -4.96
CA ILE A 97 -20.92 -1.01 -5.46
C ILE A 97 -21.08 -2.38 -6.10
N THR A 98 -21.91 -3.25 -5.53
CA THR A 98 -22.14 -4.58 -6.10
C THR A 98 -22.79 -4.44 -7.46
N GLU A 99 -23.77 -3.55 -7.59
CA GLU A 99 -24.43 -3.29 -8.87
C GLU A 99 -23.41 -2.78 -9.89
N TYR A 100 -22.55 -1.85 -9.49
CA TYR A 100 -21.51 -1.33 -10.38
C TYR A 100 -20.53 -2.42 -10.80
N ALA A 101 -20.11 -3.28 -9.84
CA ALA A 101 -19.14 -4.35 -10.13
C ALA A 101 -19.62 -5.26 -11.26
N LYS A 102 -20.92 -5.59 -11.26
CA LYS A 102 -21.49 -6.45 -12.27
C LYS A 102 -21.42 -5.85 -13.68
N SER A 103 -21.28 -4.52 -13.80
CA SER A 103 -21.17 -3.87 -15.10
C SER A 103 -19.73 -3.88 -15.65
N ILE A 104 -18.74 -4.19 -14.80
CA ILE A 104 -17.35 -4.23 -15.26
C ILE A 104 -17.17 -5.42 -16.21
N PRO A 105 -16.79 -5.20 -17.49
CA PRO A 105 -16.66 -6.34 -18.41
C PRO A 105 -15.79 -7.47 -17.85
N GLY A 106 -16.34 -8.69 -17.83
CA GLY A 106 -15.63 -9.87 -17.37
C GLY A 106 -15.89 -10.25 -15.92
N PHE A 107 -16.32 -9.30 -15.08
CA PHE A 107 -16.52 -9.57 -13.66
C PHE A 107 -17.54 -10.70 -13.39
N VAL A 108 -18.74 -10.65 -14.01
CA VAL A 108 -19.76 -11.68 -13.77
C VAL A 108 -19.37 -13.03 -14.37
N ASN A 109 -18.38 -13.08 -15.27
CA ASN A 109 -17.94 -14.36 -15.85
C ASN A 109 -16.89 -15.04 -14.96
N LEU A 110 -16.39 -14.37 -13.92
CA LEU A 110 -15.42 -14.96 -13.02
C LEU A 110 -16.10 -15.99 -12.15
N ASP A 111 -15.30 -16.90 -11.56
CA ASP A 111 -15.75 -17.87 -10.57
C ASP A 111 -16.57 -17.16 -9.49
N LEU A 112 -17.73 -17.71 -9.14
CA LEU A 112 -18.62 -17.05 -8.19
C LEU A 112 -17.97 -16.79 -6.83
N ASN A 113 -17.10 -17.69 -6.37
CA ASN A 113 -16.40 -17.49 -5.10
C ASN A 113 -15.45 -16.30 -5.20
N ASP A 114 -14.79 -16.13 -6.35
CA ASP A 114 -13.89 -15.02 -6.56
C ASP A 114 -14.65 -13.68 -6.66
N GLN A 115 -15.86 -13.69 -7.22
CA GLN A 115 -16.69 -12.47 -7.26
C GLN A 115 -16.99 -12.02 -5.82
N VAL A 116 -17.32 -12.97 -4.94
CA VAL A 116 -17.61 -12.66 -3.54
C VAL A 116 -16.35 -12.18 -2.84
N THR A 117 -15.20 -12.84 -3.09
CA THR A 117 -13.94 -12.44 -2.47
C THR A 117 -13.54 -11.02 -2.91
N LEU A 118 -13.65 -10.71 -4.20
CA LEU A 118 -13.30 -9.38 -4.70
C LEU A 118 -14.17 -8.30 -4.06
N LEU A 119 -15.47 -8.56 -3.87
CA LEU A 119 -16.35 -7.56 -3.24
C LEU A 119 -16.10 -7.48 -1.73
N LYS A 120 -15.89 -8.61 -1.06
CA LYS A 120 -15.62 -8.64 0.37
C LYS A 120 -14.44 -7.73 0.73
N TYR A 121 -13.34 -7.84 -0.01
CA TYR A 121 -12.17 -7.04 0.29
C TYR A 121 -12.12 -5.71 -0.43
N GLY A 122 -12.99 -5.48 -1.42
CA GLY A 122 -12.95 -4.26 -2.19
C GLY A 122 -13.90 -3.17 -1.75
N VAL A 123 -15.09 -3.54 -1.26
CA VAL A 123 -16.11 -2.53 -0.91
C VAL A 123 -15.63 -1.47 0.07
N HIS A 124 -14.86 -1.84 1.10
CA HIS A 124 -14.42 -0.84 2.08
C HIS A 124 -13.47 0.19 1.48
N GLU A 125 -12.55 -0.24 0.60
CA GLU A 125 -11.62 0.68 -0.05
C GLU A 125 -12.39 1.64 -0.98
N ILE A 126 -13.47 1.16 -1.61
CA ILE A 126 -14.29 1.98 -2.49
C ILE A 126 -15.16 2.93 -1.68
N ILE A 127 -15.70 2.47 -0.54
CA ILE A 127 -16.50 3.33 0.31
C ILE A 127 -15.68 4.56 0.75
N TYR A 128 -14.43 4.37 1.18
CA TYR A 128 -13.59 5.48 1.61
C TYR A 128 -13.18 6.36 0.45
N THR A 129 -12.97 5.77 -0.72
CA THR A 129 -12.67 6.52 -1.94
C THR A 129 -13.84 7.48 -2.29
N MET A 130 -15.06 6.95 -2.30
CA MET A 130 -16.23 7.73 -2.65
C MET A 130 -16.69 8.65 -1.52
N LEU A 131 -16.38 8.30 -0.26
CA LEU A 131 -16.68 9.16 0.87
C LEU A 131 -15.89 10.47 0.76
N ALA A 132 -14.67 10.40 0.21
CA ALA A 132 -13.85 11.61 0.02
C ALA A 132 -14.57 12.62 -0.89
N SER A 133 -15.36 12.15 -1.87
CA SER A 133 -16.13 13.03 -2.76
C SER A 133 -17.14 13.86 -1.97
N LEU A 134 -17.62 13.35 -0.82
CA LEU A 134 -18.62 14.03 0.00
C LEU A 134 -17.98 14.88 1.11
N MET A 135 -16.64 14.94 1.17
CA MET A 135 -15.94 15.61 2.24
C MET A 135 -15.14 16.81 1.77
N ASN A 136 -14.94 17.77 2.68
CA ASN A 136 -13.94 18.82 2.58
C ASN A 136 -13.25 18.85 3.96
N LYS A 137 -12.27 19.73 4.16
CA LYS A 137 -11.56 19.76 5.46
C LYS A 137 -12.50 20.12 6.62
N ASP A 138 -13.69 20.66 6.33
CA ASP A 138 -14.60 21.13 7.38
C ASP A 138 -15.71 20.15 7.77
N GLY A 139 -16.04 19.20 6.92
CA GLY A 139 -17.10 18.26 7.24
C GLY A 139 -17.50 17.34 6.10
N VAL A 140 -18.65 16.65 6.27
CA VAL A 140 -19.11 15.63 5.32
C VAL A 140 -20.59 15.79 5.03
N LEU A 141 -20.99 15.64 3.76
CA LEU A 141 -22.40 15.63 3.41
C LEU A 141 -23.06 14.37 3.94
N ILE A 142 -24.33 14.50 4.39
CA ILE A 142 -25.13 13.37 4.88
C ILE A 142 -26.51 13.41 4.22
N SER A 143 -27.31 12.35 4.39
CA SER A 143 -28.69 12.28 3.88
C SER A 143 -28.78 12.65 2.40
N GLU A 144 -27.94 12.02 1.58
CA GLU A 144 -27.96 12.26 0.14
C GLU A 144 -27.76 13.75 -0.20
N GLY A 145 -26.89 14.43 0.53
CA GLY A 145 -26.58 15.84 0.28
C GLY A 145 -27.51 16.84 0.94
N GLN A 146 -28.56 16.38 1.64
CA GLN A 146 -29.50 17.29 2.31
C GLN A 146 -28.86 17.95 3.53
N GLY A 147 -27.96 17.25 4.20
CA GLY A 147 -27.33 17.74 5.41
C GLY A 147 -25.82 17.77 5.31
N PHE A 148 -25.17 18.40 6.29
CA PHE A 148 -23.72 18.49 6.35
C PHE A 148 -23.30 18.44 7.81
N MET A 149 -22.51 17.44 8.19
CA MET A 149 -22.07 17.30 9.56
C MET A 149 -20.62 17.72 9.66
N THR A 150 -20.31 18.64 10.59
CA THR A 150 -18.97 19.18 10.69
C THR A 150 -17.97 18.16 11.25
N ARG A 151 -16.72 18.32 10.83
CA ARG A 151 -15.61 17.48 11.27
C ARG A 151 -15.40 17.64 12.78
N GLU A 152 -15.52 18.88 13.28
CA GLU A 152 -15.31 19.16 14.69
C GLU A 152 -16.40 18.49 15.55
N PHE A 153 -17.66 18.51 15.10
CA PHE A 153 -18.74 17.86 15.84
C PHE A 153 -18.50 16.35 15.92
N LEU A 154 -18.12 15.73 14.80
CA LEU A 154 -17.83 14.30 14.78
C LEU A 154 -16.65 13.98 15.71
N LYS A 155 -15.63 14.85 15.72
CA LYS A 155 -14.48 14.66 16.58
C LYS A 155 -14.82 14.85 18.06
N SER A 156 -15.88 15.63 18.36
CA SER A 156 -16.31 15.88 19.75
C SER A 156 -17.09 14.71 20.37
N LEU A 157 -17.49 13.71 19.57
CA LEU A 157 -18.28 12.60 20.09
C LEU A 157 -17.49 11.74 21.09
N ARG A 158 -18.19 11.10 22.05
CA ARG A 158 -17.55 10.32 23.11
C ARG A 158 -16.74 9.14 22.58
N LYS A 159 -15.61 8.85 23.24
CA LYS A 159 -14.71 7.77 22.82
C LYS A 159 -15.41 6.42 22.90
N PRO A 160 -15.16 5.50 21.96
CA PRO A 160 -14.23 5.58 20.81
C PRO A 160 -14.82 6.17 19.52
N PHE A 161 -16.03 6.74 19.56
CA PHE A 161 -16.72 7.24 18.36
C PHE A 161 -16.13 8.53 17.80
N GLY A 162 -15.53 9.35 18.65
CA GLY A 162 -14.95 10.60 18.21
C GLY A 162 -13.72 10.45 17.34
N ASP A 163 -13.16 9.23 17.27
CA ASP A 163 -11.95 8.96 16.50
C ASP A 163 -12.22 8.19 15.21
N PHE A 164 -13.48 7.78 14.96
CA PHE A 164 -13.80 6.98 13.79
C PHE A 164 -13.62 7.72 12.46
N MET A 165 -14.06 8.98 12.37
CA MET A 165 -14.05 9.70 11.10
C MET A 165 -12.80 10.55 10.85
N GLU A 166 -12.07 10.94 11.90
CA GLU A 166 -10.89 11.79 11.72
C GLU A 166 -9.88 11.25 10.68
N PRO A 167 -9.48 9.96 10.75
CA PRO A 167 -8.55 9.45 9.74
C PRO A 167 -9.13 9.47 8.31
N LYS A 168 -10.47 9.39 8.19
CA LYS A 168 -11.11 9.48 6.87
C LYS A 168 -10.98 10.90 6.30
N PHE A 169 -11.10 11.92 7.16
CA PHE A 169 -10.93 13.30 6.71
C PHE A 169 -9.48 13.55 6.26
N GLU A 170 -8.50 12.96 6.98
CA GLU A 170 -7.08 13.14 6.63
C GLU A 170 -6.81 12.54 5.26
N PHE A 171 -7.34 11.35 5.00
CA PHE A 171 -7.20 10.73 3.69
C PHE A 171 -7.93 11.57 2.61
N ALA A 172 -9.18 11.97 2.89
CA ALA A 172 -9.99 12.73 1.93
C ALA A 172 -9.30 14.02 1.48
N VAL A 173 -8.72 14.78 2.42
CA VAL A 173 -8.04 16.03 2.08
C VAL A 173 -6.88 15.79 1.11
N LYS A 174 -6.07 14.75 1.34
CA LYS A 174 -4.97 14.41 0.44
C LYS A 174 -5.52 13.89 -0.90
N PHE A 175 -6.49 12.97 -0.86
CA PHE A 175 -7.04 12.39 -2.08
C PHE A 175 -7.73 13.46 -2.94
N ASN A 176 -8.51 14.34 -2.32
CA ASN A 176 -9.22 15.40 -3.04
C ASN A 176 -8.28 16.39 -3.72
N ALA A 177 -7.03 16.50 -3.25
CA ALA A 177 -6.04 17.37 -3.89
C ALA A 177 -5.65 16.87 -5.29
N LEU A 178 -5.95 15.60 -5.61
CA LEU A 178 -5.71 15.07 -6.96
C LEU A 178 -6.72 15.63 -7.95
N GLU A 179 -7.84 16.20 -7.45
CA GLU A 179 -8.89 16.81 -8.27
C GLU A 179 -9.43 15.86 -9.32
N LEU A 180 -9.72 14.62 -8.91
CA LEU A 180 -10.30 13.65 -9.86
C LEU A 180 -11.76 13.99 -10.06
N ASP A 181 -12.29 13.64 -11.22
CA ASP A 181 -13.72 13.83 -11.48
C ASP A 181 -14.39 12.45 -11.59
N ASP A 182 -15.71 12.41 -11.70
CA ASP A 182 -16.44 11.14 -11.75
C ASP A 182 -15.96 10.19 -12.83
N SER A 183 -15.63 10.70 -14.03
CA SER A 183 -15.16 9.82 -15.12
C SER A 183 -13.83 9.16 -14.75
N ASP A 184 -12.98 9.87 -13.99
CA ASP A 184 -11.71 9.29 -13.51
C ASP A 184 -12.02 8.23 -12.44
N LEU A 185 -12.85 8.59 -11.45
CA LEU A 185 -13.16 7.70 -10.33
C LEU A 185 -13.81 6.40 -10.77
N ALA A 186 -14.65 6.43 -11.81
CA ALA A 186 -15.31 5.23 -12.29
C ALA A 186 -14.31 4.13 -12.67
N ILE A 187 -13.21 4.51 -13.36
CA ILE A 187 -12.22 3.52 -13.75
C ILE A 187 -11.36 3.12 -12.56
N PHE A 188 -11.03 4.09 -11.68
CA PHE A 188 -10.24 3.81 -10.50
C PHE A 188 -10.93 2.78 -9.59
N ILE A 189 -12.24 2.94 -9.32
CA ILE A 189 -12.92 2.00 -8.44
C ILE A 189 -13.02 0.59 -9.08
N ALA A 190 -13.13 0.52 -10.42
CA ALA A 190 -13.13 -0.77 -11.10
C ALA A 190 -11.77 -1.45 -10.92
N VAL A 191 -10.67 -0.68 -11.00
CA VAL A 191 -9.31 -1.20 -10.78
C VAL A 191 -9.20 -1.79 -9.38
N ILE A 192 -9.74 -1.08 -8.35
CA ILE A 192 -9.75 -1.57 -6.97
C ILE A 192 -10.47 -2.91 -6.87
N ILE A 193 -11.64 -3.04 -7.51
CA ILE A 193 -12.43 -4.27 -7.41
C ILE A 193 -11.65 -5.46 -8.00
N LEU A 194 -11.09 -5.30 -9.20
CA LEU A 194 -10.38 -6.39 -9.86
C LEU A 194 -8.93 -6.49 -9.36
N SER A 195 -8.75 -6.64 -8.04
CA SER A 195 -7.42 -6.78 -7.44
C SER A 195 -7.09 -8.27 -7.25
N GLY A 196 -6.10 -8.75 -8.00
CA GLY A 196 -5.71 -10.16 -7.96
C GLY A 196 -4.96 -10.60 -6.73
N ASP A 197 -4.75 -9.70 -5.75
CA ASP A 197 -3.99 -10.06 -4.54
C ASP A 197 -4.88 -10.27 -3.32
N ARG A 198 -6.21 -10.39 -3.50
CA ARG A 198 -7.10 -10.60 -2.36
C ARG A 198 -6.88 -12.01 -1.79
N PRO A 199 -6.93 -12.20 -0.46
CA PRO A 199 -6.74 -13.56 0.06
C PRO A 199 -7.86 -14.51 -0.35
N GLY A 200 -7.50 -15.74 -0.70
CA GLY A 200 -8.47 -16.78 -1.01
C GLY A 200 -8.96 -16.85 -2.45
N LEU A 201 -8.36 -16.08 -3.37
CA LEU A 201 -8.79 -16.13 -4.77
C LEU A 201 -8.38 -17.46 -5.40
N LEU A 202 -9.28 -18.07 -6.16
CA LEU A 202 -9.03 -19.37 -6.78
C LEU A 202 -8.36 -19.22 -8.15
N ASN A 203 -8.81 -18.26 -8.98
CA ASN A 203 -8.28 -18.08 -10.34
CA ASN A 203 -8.25 -18.09 -10.32
C ASN A 203 -7.83 -16.63 -10.52
N VAL A 204 -6.57 -16.32 -10.16
CA VAL A 204 -6.01 -14.96 -10.23
C VAL A 204 -5.78 -14.44 -11.67
N LYS A 205 -5.33 -15.30 -12.60
CA LYS A 205 -4.99 -14.79 -13.94
C LYS A 205 -6.15 -14.08 -14.66
N PRO A 206 -7.39 -14.62 -14.62
CA PRO A 206 -8.51 -13.91 -15.29
C PRO A 206 -8.77 -12.51 -14.72
N ILE A 207 -8.60 -12.36 -13.40
CA ILE A 207 -8.75 -11.10 -12.67
C ILE A 207 -7.67 -10.10 -13.10
N GLU A 208 -6.40 -10.53 -13.08
CA GLU A 208 -5.29 -9.67 -13.49
C GLU A 208 -5.41 -9.27 -14.96
N ASP A 209 -5.92 -10.13 -15.83
CA ASP A 209 -6.10 -9.78 -17.23
C ASP A 209 -7.09 -8.63 -17.36
N ILE A 210 -8.19 -8.68 -16.60
CA ILE A 210 -9.17 -7.61 -16.60
C ILE A 210 -8.55 -6.34 -15.99
N GLN A 211 -7.89 -6.46 -14.83
CA GLN A 211 -7.29 -5.29 -14.19
C GLN A 211 -6.28 -4.60 -15.11
N ASP A 212 -5.51 -5.36 -15.91
CA ASP A 212 -4.56 -4.79 -16.88
C ASP A 212 -5.29 -3.89 -17.88
N ASN A 213 -6.43 -4.36 -18.42
CA ASN A 213 -7.24 -3.55 -19.34
C ASN A 213 -7.76 -2.30 -18.64
N LEU A 214 -8.21 -2.44 -17.38
CA LEU A 214 -8.73 -1.30 -16.63
C LEU A 214 -7.62 -0.29 -16.32
N LEU A 215 -6.40 -0.78 -16.00
CA LEU A 215 -5.28 0.11 -15.72
C LEU A 215 -4.86 0.84 -16.99
N GLN A 216 -4.87 0.15 -18.14
CA GLN A 216 -4.59 0.79 -19.42
C GLN A 216 -5.62 1.90 -19.69
N ALA A 217 -6.90 1.64 -19.43
CA ALA A 217 -7.95 2.64 -19.65
C ALA A 217 -7.84 3.80 -18.66
N LEU A 218 -7.44 3.52 -17.42
CA LEU A 218 -7.29 4.57 -16.42
C LEU A 218 -6.14 5.49 -16.82
N GLU A 219 -5.03 4.92 -17.27
CA GLU A 219 -3.84 5.67 -17.67
C GLU A 219 -4.18 6.63 -18.82
N LEU A 220 -4.88 6.14 -19.84
CA LEU A 220 -5.26 6.99 -20.97
C LEU A 220 -6.27 8.06 -20.54
N GLN A 221 -7.23 7.70 -19.68
CA GLN A 221 -8.21 8.65 -19.15
C GLN A 221 -7.53 9.81 -18.43
N LEU A 222 -6.55 9.53 -17.56
CA LEU A 222 -5.89 10.59 -16.79
C LEU A 222 -5.00 11.46 -17.70
N LYS A 223 -4.37 10.86 -18.72
CA LYS A 223 -3.54 11.62 -19.66
C LYS A 223 -4.39 12.58 -20.50
N LEU A 224 -5.58 12.15 -20.94
CA LEU A 224 -6.45 13.00 -21.74
C LEU A 224 -7.20 14.02 -20.88
N ASN A 225 -7.68 13.61 -19.71
CA ASN A 225 -8.48 14.47 -18.84
C ASN A 225 -7.61 15.42 -18.00
N HIS A 226 -6.35 15.07 -17.77
CA HIS A 226 -5.44 15.92 -17.00
C HIS A 226 -4.10 16.03 -17.74
N PRO A 227 -4.07 16.70 -18.90
CA PRO A 227 -2.82 16.73 -19.68
C PRO A 227 -1.67 17.47 -19.00
N GLU A 228 -1.96 18.35 -18.04
CA GLU A 228 -0.91 19.12 -17.35
C GLU A 228 -0.46 18.46 -16.05
N SER A 229 -1.15 17.40 -15.59
CA SER A 229 -0.81 16.77 -14.32
C SER A 229 0.14 15.59 -14.53
N SER A 230 1.44 15.83 -14.33
CA SER A 230 2.46 14.81 -14.54
C SER A 230 2.35 13.66 -13.54
N GLN A 231 2.46 12.42 -14.04
CA GLN A 231 2.44 11.21 -13.23
C GLN A 231 1.24 11.12 -12.29
N LEU A 232 0.06 11.61 -12.73
CA LEU A 232 -1.14 11.52 -11.92
C LEU A 232 -1.55 10.04 -11.76
N PHE A 233 -1.30 9.22 -12.79
CA PHE A 233 -1.58 7.79 -12.74
C PHE A 233 -0.82 7.14 -11.57
N ALA A 234 0.49 7.40 -11.46
CA ALA A 234 1.31 6.86 -10.39
C ALA A 234 0.87 7.39 -9.01
N LYS A 235 0.58 8.70 -8.91
CA LYS A 235 0.12 9.31 -7.66
C LYS A 235 -1.19 8.70 -7.19
N LEU A 236 -2.11 8.40 -8.11
CA LEU A 236 -3.38 7.78 -7.77
C LEU A 236 -3.18 6.34 -7.29
N LEU A 237 -2.32 5.56 -7.96
CA LEU A 237 -2.04 4.19 -7.52
C LEU A 237 -1.36 4.18 -6.15
N GLN A 238 -0.54 5.20 -5.86
CA GLN A 238 0.09 5.31 -4.54
C GLN A 238 -0.95 5.55 -3.44
N LYS A 239 -2.13 6.11 -3.78
CA LYS A 239 -3.20 6.32 -2.80
C LYS A 239 -3.84 5.00 -2.37
N MET A 240 -3.73 3.94 -3.20
CA MET A 240 -4.27 2.62 -2.83
C MET A 240 -3.59 2.11 -1.55
N THR A 241 -2.41 2.64 -1.21
CA THR A 241 -1.71 2.31 0.01
C THR A 241 -2.37 3.03 1.20
N ASP A 242 -2.76 4.29 1.01
CA ASP A 242 -3.45 5.05 2.05
C ASP A 242 -4.81 4.41 2.35
N LEU A 243 -5.50 3.90 1.32
CA LEU A 243 -6.79 3.24 1.52
C LEU A 243 -6.67 1.99 2.41
N ARG A 244 -5.64 1.16 2.22
CA ARG A 244 -5.46 -0.05 3.05
C ARG A 244 -5.30 0.31 4.52
N GLN A 245 -4.47 1.31 4.82
CA GLN A 245 -4.22 1.73 6.20
C GLN A 245 -5.52 2.14 6.86
N ILE A 246 -6.36 2.88 6.13
CA ILE A 246 -7.64 3.34 6.67
C ILE A 246 -8.55 2.15 6.98
N VAL A 247 -8.61 1.17 6.07
CA VAL A 247 -9.46 0.01 6.26
C VAL A 247 -9.01 -0.81 7.49
N THR A 248 -7.70 -1.03 7.63
CA THR A 248 -7.18 -1.79 8.78
C THR A 248 -7.51 -1.09 10.10
N GLU A 249 -7.29 0.23 10.20
CA GLU A 249 -7.61 0.96 11.43
C GLU A 249 -9.09 0.91 11.73
N HIS A 250 -9.95 0.98 10.68
CA HIS A 250 -11.39 0.98 10.89
C HIS A 250 -11.83 -0.34 11.53
N VAL A 251 -11.27 -1.46 11.07
CA VAL A 251 -11.60 -2.79 11.60
C VAL A 251 -11.18 -2.91 13.08
N GLN A 252 -10.02 -2.33 13.42
CA GLN A 252 -9.53 -2.35 14.81
C GLN A 252 -10.49 -1.60 15.73
N LEU A 253 -11.00 -0.44 15.28
CA LEU A 253 -11.92 0.34 16.09
C LEU A 253 -13.25 -0.39 16.28
N LEU A 254 -13.70 -1.14 15.26
CA LEU A 254 -14.94 -1.91 15.37
C LEU A 254 -14.78 -3.03 16.41
N GLN A 255 -13.60 -3.64 16.50
CA GLN A 255 -13.34 -4.67 17.50
C GLN A 255 -13.47 -4.09 18.91
N VAL A 256 -12.98 -2.85 19.10
CA VAL A 256 -13.06 -2.17 20.39
C VAL A 256 -14.52 -1.95 20.77
N ILE A 257 -15.33 -1.49 19.81
CA ILE A 257 -16.75 -1.26 20.03
C ILE A 257 -17.51 -2.56 20.31
N LYS A 258 -17.16 -3.64 19.62
CA LYS A 258 -17.81 -4.94 19.83
C LYS A 258 -17.76 -5.34 21.31
N LYS A 259 -16.59 -5.20 21.95
CA LYS A 259 -16.40 -5.57 23.36
C LYS A 259 -16.98 -4.55 24.34
N THR A 260 -16.90 -3.25 24.00
CA THR A 260 -17.41 -2.20 24.87
C THR A 260 -18.94 -2.11 24.81
N GLU A 261 -19.53 -2.33 23.64
CA GLU A 261 -20.97 -2.21 23.44
C GLU A 261 -21.57 -3.58 23.09
N THR A 262 -21.94 -4.37 24.10
CA THR A 262 -22.54 -5.70 23.86
C THR A 262 -23.97 -5.56 23.32
N ASP A 263 -24.62 -4.41 23.55
CA ASP A 263 -25.98 -4.14 23.07
C ASP A 263 -26.05 -3.82 21.57
N MET A 264 -24.97 -3.26 21.00
CA MET A 264 -24.96 -2.84 19.61
C MET A 264 -24.97 -4.01 18.63
N SER A 265 -25.78 -3.92 17.57
CA SER A 265 -25.80 -4.93 16.53
C SER A 265 -25.28 -4.37 15.20
N LEU A 266 -24.51 -5.17 14.47
CA LEU A 266 -23.95 -4.78 13.17
C LEU A 266 -24.75 -5.49 12.07
N HIS A 267 -24.97 -4.81 10.93
CA HIS A 267 -25.76 -5.35 9.83
C HIS A 267 -25.17 -6.69 9.33
N PRO A 268 -26.00 -7.70 8.97
CA PRO A 268 -25.42 -8.97 8.52
C PRO A 268 -24.49 -8.84 7.32
N LEU A 269 -24.84 -7.97 6.37
CA LEU A 269 -24.00 -7.74 5.19
C LEU A 269 -22.63 -7.22 5.60
N LEU A 270 -22.56 -6.26 6.54
CA LEU A 270 -21.28 -5.75 7.02
C LEU A 270 -20.56 -6.78 7.87
N GLN A 271 -21.31 -7.59 8.64
CA GLN A 271 -20.73 -8.63 9.47
C GLN A 271 -19.94 -9.63 8.63
N GLU A 272 -20.48 -10.01 7.47
CA GLU A 272 -19.80 -10.97 6.60
C GLU A 272 -18.56 -10.36 5.97
N ILE A 273 -18.62 -9.09 5.57
CA ILE A 273 -17.46 -8.42 4.97
C ILE A 273 -16.27 -8.39 5.94
N TYR A 274 -16.50 -8.02 7.21
CA TYR A 274 -15.42 -7.91 8.20
C TYR A 274 -14.81 -9.25 8.63
N LYS A 275 -15.59 -10.34 8.63
CA LYS A 275 -15.10 -11.65 9.07
C LYS A 275 -13.86 -12.09 8.29
N ASP A 276 -12.80 -12.51 9.00
CA ASP A 276 -11.58 -13.01 8.37
C ASP A 276 -10.99 -12.04 7.34
N LEU A 277 -10.88 -10.74 7.68
CA LEU A 277 -10.27 -9.79 6.75
C LEU A 277 -8.74 -9.89 6.82
N GLU B 8 13.80 15.01 -23.04
CA GLU B 8 13.34 14.41 -21.79
C GLU B 8 13.63 12.91 -21.75
N SER B 9 13.30 12.19 -22.82
CA SER B 9 13.52 10.74 -22.87
C SER B 9 15.00 10.39 -22.69
N ALA B 10 15.89 11.17 -23.30
CA ALA B 10 17.33 10.96 -23.18
C ALA B 10 17.79 11.22 -21.75
N ASP B 11 17.20 12.23 -21.08
CA ASP B 11 17.50 12.53 -19.69
C ASP B 11 17.06 11.39 -18.78
N LEU B 12 15.94 10.72 -19.11
CA LEU B 12 15.42 9.63 -18.29
C LEU B 12 16.31 8.39 -18.36
N ARG B 13 16.89 8.08 -19.54
CA ARG B 13 17.81 6.95 -19.66
C ARG B 13 19.15 7.28 -19.01
N ALA B 14 19.55 8.56 -19.00
CA ALA B 14 20.77 8.96 -18.32
C ALA B 14 20.58 8.76 -16.81
N LEU B 15 19.39 9.13 -16.30
CA LEU B 15 19.06 8.99 -14.89
C LEU B 15 19.02 7.50 -14.50
N ALA B 16 18.39 6.67 -15.34
CA ALA B 16 18.34 5.23 -15.09
C ALA B 16 19.74 4.62 -15.00
N LYS B 17 20.64 4.98 -15.94
CA LYS B 17 22.00 4.46 -15.96
C LYS B 17 22.80 4.98 -14.76
N HIS B 18 22.62 6.26 -14.40
CA HIS B 18 23.29 6.81 -13.23
C HIS B 18 22.93 6.03 -11.96
N LEU B 19 21.63 5.79 -11.73
CA LEU B 19 21.18 5.08 -10.54
C LEU B 19 21.64 3.62 -10.53
N TYR B 20 21.60 2.94 -11.68
CA TYR B 20 22.07 1.55 -11.76
C TYR B 20 23.56 1.47 -11.39
N ASP B 21 24.39 2.40 -11.87
CA ASP B 21 25.82 2.41 -11.54
C ASP B 21 26.02 2.64 -10.05
N SER B 22 25.24 3.55 -9.46
CA SER B 22 25.35 3.84 -8.03
C SER B 22 24.87 2.64 -7.18
N TYR B 23 23.83 1.96 -7.66
CA TYR B 23 23.28 0.77 -6.98
C TYR B 23 24.34 -0.34 -6.96
N ILE B 24 25.07 -0.55 -8.06
CA ILE B 24 26.12 -1.57 -8.11
C ILE B 24 27.24 -1.24 -7.12
N LYS B 25 27.59 0.05 -7.00
CA LYS B 25 28.66 0.46 -6.11
C LYS B 25 28.23 0.42 -4.63
N SER B 26 26.94 0.60 -4.34
CA SER B 26 26.46 0.63 -2.95
C SER B 26 26.11 -0.74 -2.38
N PHE B 27 25.60 -1.66 -3.21
CA PHE B 27 25.10 -2.94 -2.71
C PHE B 27 25.98 -4.10 -3.16
N PRO B 28 26.72 -4.73 -2.22
CA PRO B 28 27.63 -5.81 -2.61
C PRO B 28 26.94 -6.98 -3.32
N LEU B 29 25.86 -7.49 -2.73
CA LEU B 29 25.19 -8.65 -3.26
C LEU B 29 23.98 -8.24 -4.12
N THR B 30 24.15 -8.23 -5.44
CA THR B 30 23.10 -7.87 -6.37
C THR B 30 22.10 -9.01 -6.54
N LYS B 31 20.94 -8.73 -7.15
CA LYS B 31 19.96 -9.77 -7.45
C LYS B 31 20.56 -10.75 -8.48
N ALA B 32 21.32 -10.24 -9.47
CA ALA B 32 21.95 -11.09 -10.48
C ALA B 32 22.89 -12.11 -9.83
N LYS B 33 23.67 -11.67 -8.83
CA LYS B 33 24.52 -12.57 -8.06
C LYS B 33 23.68 -13.54 -7.24
N ALA B 34 22.68 -13.04 -6.51
CA ALA B 34 21.84 -13.88 -5.67
C ALA B 34 21.11 -14.96 -6.47
N ARG B 35 20.61 -14.64 -7.68
CA ARG B 35 19.91 -15.61 -8.52
CA ARG B 35 19.91 -15.63 -8.49
C ARG B 35 20.88 -16.64 -9.11
N ALA B 36 22.15 -16.26 -9.37
CA ALA B 36 23.15 -17.19 -9.88
C ALA B 36 23.48 -18.24 -8.80
N ILE B 37 23.56 -17.79 -7.54
CA ILE B 37 23.84 -18.67 -6.40
C ILE B 37 22.65 -19.61 -6.16
N LEU B 38 21.43 -19.06 -6.17
CA LEU B 38 20.23 -19.83 -5.88
C LEU B 38 19.86 -20.86 -6.95
N THR B 39 20.16 -20.59 -8.22
CA THR B 39 19.79 -21.51 -9.30
C THR B 39 20.96 -22.36 -9.73
N GLY B 40 21.89 -22.61 -8.82
CA GLY B 40 23.07 -23.42 -9.05
C GLY B 40 23.76 -23.13 -10.37
N LYS B 41 23.63 -21.90 -10.86
CA LYS B 41 24.21 -21.51 -12.14
C LYS B 41 25.65 -21.08 -11.96
N THR B 42 25.99 -20.48 -10.81
CA THR B 42 27.34 -20.01 -10.55
C THR B 42 28.33 -21.17 -10.48
N THR B 43 29.58 -20.90 -10.88
CA THR B 43 30.67 -21.88 -10.79
C THR B 43 31.39 -21.79 -9.44
N ASP B 44 31.10 -20.72 -8.67
CA ASP B 44 31.69 -20.49 -7.34
C ASP B 44 31.16 -21.50 -6.32
N LYS B 45 31.75 -21.51 -5.12
CA LYS B 45 31.36 -22.42 -4.05
C LYS B 45 29.86 -22.29 -3.70
N SER B 46 29.12 -23.41 -3.80
CA SER B 46 27.70 -23.52 -3.46
C SER B 46 27.46 -23.00 -2.03
N PRO B 47 26.30 -22.40 -1.64
CA PRO B 47 26.19 -21.97 -0.24
C PRO B 47 26.10 -23.14 0.74
N PHE B 48 26.53 -22.91 1.99
CA PHE B 48 26.37 -23.89 3.06
C PHE B 48 24.91 -23.80 3.50
N VAL B 49 24.20 -24.91 3.58
CA VAL B 49 22.77 -24.89 3.86
C VAL B 49 22.45 -25.16 5.33
N ILE B 50 21.67 -24.26 5.94
CA ILE B 50 21.21 -24.44 7.31
C ILE B 50 19.73 -24.82 7.28
N TYR B 51 19.44 -26.09 7.57
CA TYR B 51 18.09 -26.64 7.53
C TYR B 51 17.62 -27.21 8.87
N ASP B 52 18.52 -27.25 9.88
CA ASP B 52 18.20 -27.77 11.21
C ASP B 52 19.24 -27.30 12.23
N MET B 53 19.11 -27.73 13.50
CA MET B 53 20.01 -27.29 14.57
C MET B 53 21.46 -27.70 14.35
N ASN B 54 21.71 -28.94 13.93
CA ASN B 54 23.07 -29.42 13.72
C ASN B 54 23.77 -28.63 12.61
N SER B 55 23.10 -28.44 11.46
CA SER B 55 23.69 -27.66 10.37
C SER B 55 23.92 -26.19 10.81
N LEU B 56 23.05 -25.60 11.65
CA LEU B 56 23.27 -24.23 12.13
C LEU B 56 24.55 -24.15 12.96
N MET B 57 24.75 -25.11 13.87
CA MET B 57 25.94 -25.13 14.71
C MET B 57 27.19 -25.30 13.84
N MET B 58 27.16 -26.22 12.87
CA MET B 58 28.29 -26.38 11.96
C MET B 58 28.50 -25.09 11.14
N GLY B 59 27.40 -24.50 10.68
CA GLY B 59 27.44 -23.29 9.88
C GLY B 59 28.06 -22.13 10.62
N GLU B 60 27.90 -22.07 11.95
CA GLU B 60 28.51 -21.02 12.75
C GLU B 60 30.02 -21.18 12.84
N ASP B 61 30.51 -22.42 12.82
CA ASP B 61 31.95 -22.69 12.84
C ASP B 61 32.55 -22.52 11.43
N LYS B 62 31.78 -22.86 10.39
CA LYS B 62 32.20 -22.76 9.00
C LYS B 62 32.20 -21.31 8.50
N ILE B 63 31.11 -20.58 8.74
CA ILE B 63 31.02 -19.18 8.33
C ILE B 63 31.56 -18.26 9.43
N LYS B 64 32.16 -17.15 9.01
CA LYS B 64 32.73 -16.15 9.93
C LYS B 64 31.66 -15.11 10.27
N PHE B 65 30.66 -15.48 11.08
CA PHE B 65 29.60 -14.56 11.46
C PHE B 65 30.17 -13.47 12.36
N LYS B 66 29.75 -12.22 12.15
CA LYS B 66 30.27 -11.07 12.91
C LYS B 66 29.33 -10.61 14.03
N HIS B 67 28.10 -11.14 14.09
CA HIS B 67 27.12 -10.75 15.10
C HIS B 67 27.23 -11.56 16.41
N ILE B 68 28.09 -12.59 16.44
CA ILE B 68 28.18 -13.47 17.61
C ILE B 68 29.02 -12.85 18.73
N THR B 69 28.36 -12.53 19.86
CA THR B 69 29.00 -11.91 21.03
C THR B 69 28.86 -12.83 22.26
N PRO B 70 29.94 -13.08 23.03
CA PRO B 70 29.80 -13.92 24.23
C PRO B 70 28.84 -13.31 25.25
N LYS B 76 22.19 -16.93 25.86
CA LYS B 76 21.19 -16.78 24.79
C LYS B 76 20.87 -18.14 24.16
N GLU B 77 19.93 -18.17 23.21
CA GLU B 77 19.52 -19.40 22.54
C GLU B 77 19.51 -19.23 21.00
N VAL B 78 19.13 -20.28 20.26
CA VAL B 78 19.18 -20.30 18.81
C VAL B 78 18.34 -19.17 18.17
N ALA B 79 17.04 -19.11 18.50
CA ALA B 79 16.12 -18.15 17.89
C ALA B 79 16.56 -16.70 18.09
N ILE B 80 17.00 -16.34 19.31
CA ILE B 80 17.46 -14.98 19.57
C ILE B 80 18.75 -14.71 18.80
N ARG B 81 19.65 -15.69 18.76
CA ARG B 81 20.93 -15.55 18.07
C ARG B 81 20.71 -15.31 16.56
N ILE B 82 19.68 -15.95 15.97
CA ILE B 82 19.36 -15.76 14.55
C ILE B 82 18.75 -14.38 14.35
N PHE B 83 17.80 -13.99 15.21
CA PHE B 83 17.15 -12.69 15.11
C PHE B 83 18.19 -11.56 15.24
N GLN B 84 19.17 -11.73 16.13
CA GLN B 84 20.23 -10.73 16.32
C GLN B 84 21.12 -10.63 15.08
N GLY B 85 21.37 -11.76 14.43
CA GLY B 85 22.12 -11.79 13.17
C GLY B 85 21.38 -11.03 12.08
N CYS B 86 20.05 -11.19 12.02
N CYS B 86 20.05 -11.19 12.04
CA CYS B 86 19.24 -10.46 11.03
CA CYS B 86 19.20 -10.50 11.08
C CYS B 86 19.29 -8.96 11.31
C CYS B 86 19.29 -8.98 11.32
N GLN B 87 19.30 -8.56 12.60
CA GLN B 87 19.39 -7.15 12.97
C GLN B 87 20.75 -6.56 12.58
N PHE B 88 21.84 -7.29 12.83
CA PHE B 88 23.18 -6.85 12.46
C PHE B 88 23.25 -6.54 10.95
N ARG B 89 22.73 -7.46 10.11
CA ARG B 89 22.78 -7.23 8.68
C ARG B 89 21.90 -6.07 8.29
N SER B 90 20.76 -5.89 8.96
CA SER B 90 19.87 -4.77 8.67
C SER B 90 20.56 -3.44 8.94
N VAL B 91 21.39 -3.37 9.99
CA VAL B 91 22.14 -2.16 10.30
C VAL B 91 23.20 -1.89 9.22
N GLU B 92 23.79 -2.94 8.64
CA GLU B 92 24.71 -2.79 7.51
C GLU B 92 23.96 -2.29 6.29
N ALA B 93 22.77 -2.86 6.01
CA ALA B 93 21.95 -2.44 4.88
C ALA B 93 21.57 -0.96 4.99
N VAL B 94 21.26 -0.47 6.20
CA VAL B 94 20.93 0.95 6.39
C VAL B 94 22.06 1.85 5.86
N GLN B 95 23.33 1.51 6.13
CA GLN B 95 24.45 2.34 5.65
C GLN B 95 24.62 2.20 4.14
N GLU B 96 24.34 1.02 3.58
CA GLU B 96 24.41 0.87 2.13
C GLU B 96 23.31 1.71 1.48
N ILE B 97 22.10 1.69 2.05
CA ILE B 97 20.97 2.45 1.53
C ILE B 97 21.23 3.93 1.66
N THR B 98 21.84 4.37 2.77
CA THR B 98 22.16 5.78 2.98
C THR B 98 23.16 6.25 1.92
N GLU B 99 24.18 5.43 1.65
CA GLU B 99 25.17 5.75 0.62
C GLU B 99 24.48 5.87 -0.75
N TYR B 100 23.59 4.93 -1.06
CA TYR B 100 22.86 4.98 -2.33
C TYR B 100 21.96 6.23 -2.41
N ALA B 101 21.27 6.58 -1.31
CA ALA B 101 20.37 7.74 -1.30
C ALA B 101 21.11 9.03 -1.69
N LYS B 102 22.35 9.20 -1.21
CA LYS B 102 23.14 10.39 -1.51
C LYS B 102 23.47 10.52 -3.00
N SER B 103 23.42 9.42 -3.76
CA SER B 103 23.69 9.47 -5.19
C SER B 103 22.44 9.87 -6.01
N ILE B 104 21.25 9.83 -5.41
CA ILE B 104 20.03 10.21 -6.13
C ILE B 104 20.08 11.72 -6.41
N PRO B 105 20.04 12.15 -7.69
CA PRO B 105 20.08 13.60 -7.96
C PRO B 105 19.03 14.41 -7.20
N GLY B 106 19.48 15.43 -6.48
CA GLY B 106 18.63 16.31 -5.71
C GLY B 106 18.50 15.94 -4.24
N PHE B 107 18.75 14.67 -3.88
CA PHE B 107 18.58 14.21 -2.49
C PHE B 107 19.42 15.01 -1.49
N VAL B 108 20.74 15.15 -1.75
CA VAL B 108 21.62 15.86 -0.80
C VAL B 108 21.34 17.38 -0.77
N ASN B 109 20.61 17.92 -1.74
CA ASN B 109 20.26 19.35 -1.73
C ASN B 109 18.97 19.62 -0.93
N LEU B 110 18.27 18.56 -0.49
CA LEU B 110 17.08 18.73 0.33
C LEU B 110 17.48 19.17 1.72
N ASP B 111 16.54 19.75 2.46
CA ASP B 111 16.72 20.10 3.87
C ASP B 111 17.27 18.88 4.64
N LEU B 112 18.32 19.08 5.44
CA LEU B 112 18.95 17.95 6.13
C LEU B 112 17.96 17.17 7.01
N ASN B 113 16.99 17.84 7.66
CA ASN B 113 15.99 17.13 8.47
C ASN B 113 15.13 16.21 7.59
N ASP B 114 14.80 16.66 6.38
CA ASP B 114 14.00 15.87 5.46
C ASP B 114 14.80 14.68 4.93
N GLN B 115 16.12 14.83 4.74
CA GLN B 115 16.96 13.71 4.33
C GLN B 115 16.90 12.60 5.41
N VAL B 116 16.98 13.01 6.68
CA VAL B 116 16.92 12.06 7.80
C VAL B 116 15.53 11.43 7.86
N THR B 117 14.46 12.22 7.69
CA THR B 117 13.10 11.69 7.72
C THR B 117 12.86 10.70 6.58
N LEU B 118 13.32 11.01 5.37
CA LEU B 118 13.14 10.10 4.23
C LEU B 118 13.85 8.77 4.46
N LEU B 119 15.04 8.79 5.06
CA LEU B 119 15.75 7.53 5.34
C LEU B 119 15.13 6.79 6.51
N LYS B 120 14.78 7.50 7.59
CA LYS B 120 14.13 6.88 8.76
C LYS B 120 12.91 6.03 8.37
N TYR B 121 12.04 6.56 7.49
CA TYR B 121 10.84 5.82 7.07
C TYR B 121 11.00 4.99 5.79
N GLY B 122 12.09 5.17 5.07
CA GLY B 122 12.30 4.46 3.81
C GLY B 122 13.12 3.19 3.89
N VAL B 123 14.11 3.16 4.79
CA VAL B 123 15.04 2.03 4.86
C VAL B 123 14.33 0.68 5.05
N HIS B 124 13.29 0.58 5.88
CA HIS B 124 12.62 -0.72 6.10
C HIS B 124 11.93 -1.24 4.85
N GLU B 125 11.28 -0.37 4.09
CA GLU B 125 10.62 -0.78 2.85
C GLU B 125 11.65 -1.25 1.82
N ILE B 126 12.84 -0.63 1.81
CA ILE B 126 13.92 -1.00 0.90
C ILE B 126 14.57 -2.29 1.35
N ILE B 127 14.75 -2.48 2.66
CA ILE B 127 15.32 -3.73 3.18
C ILE B 127 14.47 -4.93 2.75
N TYR B 128 13.13 -4.85 2.87
CA TYR B 128 12.26 -5.95 2.45
C TYR B 128 12.23 -6.13 0.96
N THR B 129 12.34 -5.03 0.20
CA THR B 129 12.41 -5.09 -1.26
C THR B 129 13.67 -5.86 -1.68
N MET B 130 14.82 -5.52 -1.08
N MET B 130 14.83 -5.50 -1.09
CA MET B 130 16.09 -6.13 -1.43
CA MET B 130 16.11 -6.13 -1.42
C MET B 130 16.26 -7.53 -0.82
C MET B 130 16.18 -7.54 -0.88
N LEU B 131 15.57 -7.80 0.29
CA LEU B 131 15.57 -9.13 0.89
C LEU B 131 14.89 -10.13 -0.05
N ALA B 132 13.86 -9.70 -0.79
CA ALA B 132 13.20 -10.58 -1.77
C ALA B 132 14.18 -11.09 -2.83
N SER B 133 15.18 -10.28 -3.21
CA SER B 133 16.20 -10.72 -4.18
C SER B 133 16.99 -11.92 -3.66
N LEU B 134 17.12 -12.04 -2.33
CA LEU B 134 17.88 -13.13 -1.71
C LEU B 134 17.01 -14.34 -1.35
N MET B 135 15.71 -14.30 -1.69
CA MET B 135 14.78 -15.35 -1.31
C MET B 135 14.19 -16.09 -2.49
N ASN B 136 13.81 -17.34 -2.24
CA ASN B 136 12.94 -18.11 -3.11
C ASN B 136 11.91 -18.76 -2.17
N LYS B 137 10.98 -19.53 -2.70
CA LYS B 137 9.95 -20.16 -1.87
C LYS B 137 10.54 -21.14 -0.84
N ASP B 138 11.82 -21.56 -1.00
CA ASP B 138 12.43 -22.57 -0.13
C ASP B 138 13.34 -22.01 0.97
N GLY B 139 13.83 -20.79 0.83
CA GLY B 139 14.71 -20.21 1.84
C GLY B 139 15.32 -18.87 1.47
N VAL B 140 16.33 -18.44 2.25
CA VAL B 140 16.96 -17.14 2.07
C VAL B 140 18.49 -17.25 2.15
N LEU B 141 19.21 -16.54 1.28
CA LEU B 141 20.66 -16.48 1.36
C LEU B 141 21.07 -15.66 2.58
N ILE B 142 22.15 -16.07 3.23
CA ILE B 142 22.69 -15.35 4.39
C ILE B 142 24.20 -15.17 4.19
N SER B 143 24.82 -14.33 5.01
CA SER B 143 26.27 -14.09 4.98
C SER B 143 26.80 -13.79 3.57
N GLU B 144 26.22 -12.79 2.91
CA GLU B 144 26.60 -12.38 1.55
C GLU B 144 26.63 -13.54 0.56
N GLY B 145 25.66 -14.43 0.67
CA GLY B 145 25.53 -15.52 -0.28
C GLY B 145 26.32 -16.77 0.05
N GLN B 146 27.10 -16.74 1.15
CA GLN B 146 27.89 -17.90 1.57
C GLN B 146 27.00 -18.99 2.18
N GLY B 147 25.89 -18.60 2.79
CA GLY B 147 24.98 -19.54 3.41
C GLY B 147 23.57 -19.45 2.88
N PHE B 148 22.73 -20.43 3.24
CA PHE B 148 21.33 -20.45 2.83
C PHE B 148 20.52 -21.08 3.95
N MET B 149 19.59 -20.33 4.52
CA MET B 149 18.77 -20.84 5.61
C MET B 149 17.39 -21.17 5.07
N THR B 150 16.92 -22.39 5.33
CA THR B 150 15.64 -22.84 4.77
C THR B 150 14.45 -22.17 5.44
N ARG B 151 13.36 -22.01 4.67
CA ARG B 151 12.11 -21.41 5.13
C ARG B 151 11.52 -22.29 6.23
N GLU B 152 11.60 -23.61 6.08
CA GLU B 152 11.04 -24.54 7.06
C GLU B 152 11.79 -24.45 8.39
N PHE B 153 13.13 -24.32 8.36
CA PHE B 153 13.89 -24.17 9.60
C PHE B 153 13.50 -22.88 10.32
N LEU B 154 13.41 -21.76 9.59
CA LEU B 154 13.00 -20.47 10.18
C LEU B 154 11.58 -20.58 10.75
N LYS B 155 10.69 -21.29 10.06
CA LYS B 155 9.31 -21.52 10.49
C LYS B 155 9.25 -22.39 11.75
N SER B 156 10.25 -23.25 11.94
CA SER B 156 10.29 -24.16 13.09
C SER B 156 10.77 -23.49 14.39
N LEU B 157 11.28 -22.25 14.32
CA LEU B 157 11.79 -21.57 15.51
C LEU B 157 10.66 -21.26 16.48
N ARG B 158 10.92 -21.32 17.79
CA ARG B 158 9.88 -21.08 18.79
C ARG B 158 9.23 -19.70 18.60
N LYS B 159 7.96 -19.57 19.01
CA LYS B 159 7.23 -18.31 18.87
C LYS B 159 7.81 -17.25 19.80
N PRO B 160 7.74 -15.97 19.44
CA PRO B 160 7.19 -15.39 18.20
C PRO B 160 8.18 -15.40 17.05
N PHE B 161 9.36 -16.01 17.23
CA PHE B 161 10.42 -15.95 16.23
C PHE B 161 10.11 -16.76 14.97
N GLY B 162 9.35 -17.83 15.11
CA GLY B 162 8.99 -18.66 13.96
C GLY B 162 8.04 -17.99 12.99
N ASP B 163 7.47 -16.84 13.37
CA ASP B 163 6.52 -16.11 12.54
C ASP B 163 7.11 -14.84 11.94
N PHE B 164 8.35 -14.47 12.26
CA PHE B 164 8.95 -13.24 11.80
C PHE B 164 9.21 -13.21 10.28
N MET B 165 9.74 -14.31 9.73
CA MET B 165 10.15 -14.32 8.32
C MET B 165 9.07 -14.82 7.36
N GLU B 166 8.09 -15.59 7.83
CA GLU B 166 7.06 -16.16 6.94
C GLU B 166 6.35 -15.07 6.09
N PRO B 167 5.88 -13.94 6.66
CA PRO B 167 5.25 -12.91 5.82
C PRO B 167 6.22 -12.29 4.80
N LYS B 168 7.53 -12.28 5.11
CA LYS B 168 8.53 -11.78 4.16
C LYS B 168 8.64 -12.78 2.98
N PHE B 169 8.53 -14.10 3.24
CA PHE B 169 8.57 -15.10 2.17
C PHE B 169 7.35 -14.97 1.27
N GLU B 170 6.19 -14.68 1.85
CA GLU B 170 4.94 -14.52 1.09
C GLU B 170 5.03 -13.30 0.18
N PHE B 171 5.54 -12.17 0.70
CA PHE B 171 5.75 -10.97 -0.12
C PHE B 171 6.77 -11.26 -1.20
N ALA B 172 7.93 -11.86 -0.83
CA ALA B 172 9.01 -12.13 -1.77
C ALA B 172 8.55 -12.99 -2.95
N VAL B 173 7.79 -14.07 -2.69
CA VAL B 173 7.31 -14.94 -3.76
C VAL B 173 6.44 -14.15 -4.74
N LYS B 174 5.57 -13.30 -4.22
CA LYS B 174 4.70 -12.47 -5.04
C LYS B 174 5.49 -11.38 -5.79
N PHE B 175 6.44 -10.71 -5.12
CA PHE B 175 7.27 -9.66 -5.71
C PHE B 175 8.22 -10.25 -6.76
N ASN B 176 8.84 -11.39 -6.47
CA ASN B 176 9.77 -12.03 -7.39
C ASN B 176 9.10 -12.50 -8.68
N ALA B 177 7.78 -12.72 -8.67
CA ALA B 177 7.06 -13.09 -9.89
C ALA B 177 7.05 -11.95 -10.92
N LEU B 178 7.35 -10.71 -10.50
CA LEU B 178 7.47 -9.59 -11.43
C LEU B 178 8.75 -9.71 -12.25
N GLU B 179 9.72 -10.54 -11.81
CA GLU B 179 10.97 -10.78 -12.51
C GLU B 179 11.73 -9.50 -12.78
N LEU B 180 11.84 -8.62 -11.77
CA LEU B 180 12.60 -7.40 -11.94
C LEU B 180 14.08 -7.72 -11.89
N ASP B 181 14.90 -6.91 -12.55
CA ASP B 181 16.35 -7.08 -12.48
C ASP B 181 16.95 -5.88 -11.75
N ASP B 182 18.26 -5.90 -11.47
CA ASP B 182 18.92 -4.85 -10.71
C ASP B 182 18.71 -3.44 -11.30
N SER B 183 18.74 -3.29 -12.63
CA SER B 183 18.54 -1.98 -13.24
C SER B 183 17.12 -1.46 -12.96
N ASP B 184 16.12 -2.36 -12.89
CA ASP B 184 14.76 -1.97 -12.53
C ASP B 184 14.70 -1.58 -11.05
N LEU B 185 15.25 -2.43 -10.17
CA LEU B 185 15.21 -2.21 -8.73
C LEU B 185 15.90 -0.92 -8.31
N ALA B 186 16.98 -0.54 -8.98
CA ALA B 186 17.70 0.68 -8.64
C ALA B 186 16.78 1.91 -8.69
N ILE B 187 15.93 1.99 -9.73
CA ILE B 187 15.03 3.15 -9.84
C ILE B 187 13.86 2.99 -8.86
N PHE B 188 13.35 1.77 -8.69
CA PHE B 188 12.26 1.53 -7.76
C PHE B 188 12.63 1.93 -6.32
N ILE B 189 13.82 1.55 -5.83
CA ILE B 189 14.20 1.91 -4.45
C ILE B 189 14.40 3.42 -4.31
N ALA B 190 14.87 4.11 -5.37
CA ALA B 190 15.00 5.57 -5.32
C ALA B 190 13.60 6.19 -5.19
N VAL B 191 12.59 5.65 -5.91
CA VAL B 191 11.20 6.12 -5.83
C VAL B 191 10.68 5.99 -4.39
N ILE B 192 10.97 4.85 -3.73
CA ILE B 192 10.58 4.62 -2.33
C ILE B 192 11.20 5.69 -1.41
N ILE B 193 12.50 6.00 -1.59
CA ILE B 193 13.17 6.96 -0.72
C ILE B 193 12.52 8.34 -0.84
N LEU B 194 12.26 8.78 -2.07
CA LEU B 194 11.70 10.11 -2.29
C LEU B 194 10.18 10.11 -2.14
N SER B 195 9.68 9.64 -1.00
CA SER B 195 8.24 9.60 -0.74
C SER B 195 7.82 10.85 0.04
N GLY B 196 7.04 11.71 -0.58
CA GLY B 196 6.62 12.98 0.02
C GLY B 196 5.55 12.87 1.09
N ASP B 197 5.13 11.65 1.44
CA ASP B 197 4.10 11.47 2.47
C ASP B 197 4.64 11.00 3.81
N ARG B 198 5.96 11.07 4.03
CA ARG B 198 6.51 10.63 5.31
C ARG B 198 6.11 11.64 6.41
N PRO B 199 5.81 11.19 7.64
CA PRO B 199 5.45 12.16 8.69
C PRO B 199 6.62 13.09 9.04
N GLY B 200 6.32 14.37 9.24
CA GLY B 200 7.29 15.35 9.70
C GLY B 200 8.13 16.02 8.63
N LEU B 201 7.81 15.82 7.34
CA LEU B 201 8.58 16.48 6.29
C LEU B 201 8.31 17.99 6.28
N LEU B 202 9.37 18.81 6.15
CA LEU B 202 9.24 20.26 6.17
C LEU B 202 8.96 20.83 4.78
N ASN B 203 9.62 20.29 3.74
CA ASN B 203 9.45 20.81 2.39
C ASN B 203 9.14 19.67 1.41
N VAL B 204 7.85 19.35 1.25
CA VAL B 204 7.38 18.24 0.43
C VAL B 204 7.56 18.49 -1.08
N LYS B 205 7.54 19.75 -1.52
CA LYS B 205 7.60 20.06 -2.96
C LYS B 205 8.82 19.47 -3.68
N PRO B 206 10.07 19.79 -3.30
CA PRO B 206 11.22 19.25 -4.05
C PRO B 206 11.29 17.74 -3.96
N ILE B 207 10.75 17.14 -2.88
CA ILE B 207 10.74 15.68 -2.80
C ILE B 207 9.85 15.11 -3.89
N GLU B 208 8.60 15.61 -4.00
CA GLU B 208 7.66 15.14 -5.01
C GLU B 208 8.16 15.45 -6.42
N ASP B 209 8.85 16.59 -6.62
CA ASP B 209 9.39 16.92 -7.93
C ASP B 209 10.42 15.89 -8.35
N ILE B 210 11.30 15.49 -7.41
CA ILE B 210 12.30 14.47 -7.70
C ILE B 210 11.61 13.12 -7.93
N GLN B 211 10.66 12.73 -7.06
CA GLN B 211 9.97 11.46 -7.23
C GLN B 211 9.26 11.36 -8.58
N ASP B 212 8.69 12.47 -9.10
CA ASP B 212 8.04 12.50 -10.41
CA ASP B 212 8.03 12.43 -10.39
C ASP B 212 9.04 12.14 -11.51
N ASN B 213 10.25 12.69 -11.43
CA ASN B 213 11.28 12.40 -12.43
CA ASN B 213 11.30 12.41 -12.41
C ASN B 213 11.75 10.94 -12.30
N LEU B 214 11.82 10.42 -11.06
CA LEU B 214 12.20 9.01 -10.84
C LEU B 214 11.10 8.08 -11.35
N LEU B 215 9.82 8.46 -11.16
CA LEU B 215 8.71 7.65 -11.66
C LEU B 215 8.68 7.65 -13.19
N GLN B 216 8.98 8.80 -13.81
CA GLN B 216 9.09 8.86 -15.26
C GLN B 216 10.20 7.94 -15.76
N ALA B 217 11.35 7.94 -15.09
CA ALA B 217 12.47 7.08 -15.48
C ALA B 217 12.15 5.60 -15.24
N LEU B 218 11.42 5.29 -14.16
CA LEU B 218 11.06 3.91 -13.87
C LEU B 218 10.10 3.38 -14.95
N GLU B 219 9.12 4.21 -15.33
CA GLU B 219 8.15 3.84 -16.35
C GLU B 219 8.84 3.50 -17.67
N LEU B 220 9.77 4.37 -18.12
CA LEU B 220 10.48 4.13 -19.37
C LEU B 220 11.38 2.89 -19.27
N GLN B 221 12.05 2.71 -18.12
CA GLN B 221 12.90 1.55 -17.87
C GLN B 221 12.11 0.25 -18.01
N LEU B 222 10.92 0.17 -17.39
CA LEU B 222 10.13 -1.06 -17.44
C LEU B 222 9.56 -1.31 -18.85
N LYS B 223 9.22 -0.26 -19.59
CA LYS B 223 8.70 -0.41 -20.95
C LYS B 223 9.80 -0.92 -21.90
N LEU B 224 11.03 -0.44 -21.74
CA LEU B 224 12.14 -0.89 -22.59
C LEU B 224 12.68 -2.25 -22.16
N ASN B 225 12.81 -2.48 -20.85
CA ASN B 225 13.38 -3.72 -20.33
C ASN B 225 12.37 -4.88 -20.32
N HIS B 226 11.06 -4.57 -20.29
CA HIS B 226 10.03 -5.60 -20.28
C HIS B 226 8.95 -5.23 -21.31
N PRO B 227 9.28 -5.27 -22.62
CA PRO B 227 8.29 -4.85 -23.62
C PRO B 227 7.04 -5.73 -23.70
N GLU B 228 7.12 -6.98 -23.23
CA GLU B 228 5.98 -7.89 -23.29
C GLU B 228 5.13 -7.87 -22.00
N SER B 229 5.59 -7.19 -20.94
CA SER B 229 4.89 -7.20 -19.67
C SER B 229 3.98 -5.98 -19.55
N SER B 230 2.69 -6.15 -19.87
CA SER B 230 1.72 -5.08 -19.82
C SER B 230 1.49 -4.53 -18.40
N GLN B 231 1.49 -3.20 -18.26
CA GLN B 231 1.20 -2.54 -17.00
C GLN B 231 2.09 -3.01 -15.84
N LEU B 232 3.36 -3.34 -16.12
CA LEU B 232 4.29 -3.74 -15.07
C LEU B 232 4.56 -2.56 -14.12
N PHE B 233 4.56 -1.34 -14.66
CA PHE B 233 4.73 -0.14 -13.84
C PHE B 233 3.65 -0.03 -12.77
N ALA B 234 2.37 -0.21 -13.16
CA ALA B 234 1.25 -0.17 -12.22
C ALA B 234 1.32 -1.32 -11.21
N LYS B 235 1.65 -2.54 -11.67
CA LYS B 235 1.78 -3.70 -10.79
C LYS B 235 2.87 -3.50 -9.74
N LEU B 236 3.99 -2.89 -10.13
CA LEU B 236 5.09 -2.61 -9.21
C LEU B 236 4.69 -1.57 -8.17
N LEU B 237 4.00 -0.49 -8.60
CA LEU B 237 3.55 0.53 -7.64
C LEU B 237 2.52 -0.05 -6.67
N GLN B 238 1.70 -1.00 -7.13
CA GLN B 238 0.75 -1.67 -6.25
C GLN B 238 1.46 -2.49 -5.17
N LYS B 239 2.73 -2.91 -5.41
CA LYS B 239 3.50 -3.65 -4.40
C LYS B 239 3.94 -2.76 -3.25
N MET B 240 4.01 -1.42 -3.47
CA MET B 240 4.35 -0.49 -2.39
C MET B 240 3.34 -0.59 -1.24
N THR B 241 2.14 -1.09 -1.53
CA THR B 241 1.10 -1.33 -0.53
C THR B 241 1.45 -2.57 0.29
N ASP B 242 1.94 -3.62 -0.38
CA ASP B 242 2.35 -4.83 0.31
C ASP B 242 3.55 -4.53 1.22
N LEU B 243 4.48 -3.68 0.79
CA LEU B 243 5.63 -3.32 1.61
C LEU B 243 5.22 -2.62 2.90
N ARG B 244 4.34 -1.62 2.82
CA ARG B 244 3.94 -0.85 4.00
C ARG B 244 3.22 -1.73 5.03
N GLN B 245 2.50 -2.77 4.59
CA GLN B 245 1.86 -3.71 5.51
C GLN B 245 2.90 -4.61 6.20
N ILE B 246 3.89 -5.12 5.46
CA ILE B 246 4.98 -5.93 6.03
C ILE B 246 5.72 -5.13 7.11
N VAL B 247 5.99 -3.85 6.85
CA VAL B 247 6.71 -3.00 7.81
C VAL B 247 5.88 -2.83 9.09
N THR B 248 4.57 -2.55 8.95
CA THR B 248 3.70 -2.38 10.11
C THR B 248 3.65 -3.67 10.93
N GLU B 249 3.50 -4.80 10.25
CA GLU B 249 3.43 -6.11 10.88
C GLU B 249 4.73 -6.46 11.62
N HIS B 250 5.89 -6.06 11.07
CA HIS B 250 7.19 -6.32 11.67
C HIS B 250 7.35 -5.54 12.97
N VAL B 251 6.90 -4.29 13.00
CA VAL B 251 6.98 -3.45 14.19
C VAL B 251 6.12 -4.03 15.32
N GLN B 252 4.94 -4.58 14.98
CA GLN B 252 4.05 -5.20 15.96
C GLN B 252 4.73 -6.39 16.62
N LEU B 253 5.40 -7.23 15.84
CA LEU B 253 6.09 -8.41 16.38
C LEU B 253 7.26 -7.99 17.27
N LEU B 254 7.95 -6.89 16.94
CA LEU B 254 9.06 -6.41 17.78
C LEU B 254 8.54 -5.93 19.13
N GLN B 255 7.33 -5.34 19.18
CA GLN B 255 6.74 -4.92 20.44
C GLN B 255 6.47 -6.14 21.33
N VAL B 256 6.03 -7.24 20.73
CA VAL B 256 5.76 -8.48 21.46
C VAL B 256 7.08 -9.04 22.03
N ILE B 257 8.19 -8.99 21.27
CA ILE B 257 9.48 -9.47 21.78
C ILE B 257 9.93 -8.58 22.95
N LYS B 258 9.58 -7.28 22.92
CA LYS B 258 9.87 -6.38 24.04
C LYS B 258 8.95 -6.71 25.22
N LYS B 259 7.74 -7.21 24.94
CA LYS B 259 6.74 -7.54 25.94
C LYS B 259 7.06 -8.83 26.70
N THR B 260 7.72 -9.82 26.07
CA THR B 260 7.97 -11.09 26.76
C THR B 260 9.31 -11.76 26.40
N GLU B 261 10.24 -11.06 25.74
CA GLU B 261 11.54 -11.64 25.38
C GLU B 261 12.70 -10.72 25.78
N THR B 262 12.52 -9.89 26.82
CA THR B 262 13.57 -8.97 27.25
C THR B 262 14.51 -9.67 28.24
N ASP B 263 15.67 -10.13 27.75
CA ASP B 263 16.66 -10.83 28.56
C ASP B 263 16.05 -12.06 29.24
N HIS B 267 23.72 -6.30 26.50
CA HIS B 267 24.77 -5.30 26.73
C HIS B 267 24.22 -3.91 26.40
N PRO B 268 24.30 -2.94 27.32
CA PRO B 268 23.74 -1.60 27.03
C PRO B 268 24.20 -0.97 25.71
N LEU B 269 25.47 -1.14 25.33
CA LEU B 269 25.96 -0.55 24.08
C LEU B 269 25.40 -1.26 22.84
N LEU B 270 25.18 -2.59 22.93
CA LEU B 270 24.57 -3.34 21.81
C LEU B 270 23.16 -2.83 21.59
N GLN B 271 22.37 -2.71 22.67
CA GLN B 271 21.01 -2.19 22.59
C GLN B 271 20.98 -0.83 21.90
N GLU B 272 21.97 0.02 22.19
CA GLU B 272 22.07 1.35 21.61
C GLU B 272 22.34 1.30 20.10
N ILE B 273 23.16 0.34 19.64
CA ILE B 273 23.46 0.21 18.22
C ILE B 273 22.25 -0.32 17.44
N TYR B 274 21.62 -1.40 17.93
CA TYR B 274 20.55 -2.09 17.19
C TYR B 274 19.13 -1.67 17.53
N LYS B 275 18.93 -0.68 18.43
CA LYS B 275 17.57 -0.24 18.74
C LYS B 275 16.87 0.28 17.50
N ASP B 276 17.58 1.09 16.70
CA ASP B 276 17.01 1.64 15.48
C ASP B 276 17.86 1.23 14.29
N LEU B 277 17.20 0.89 13.17
CA LEU B 277 17.91 0.59 11.94
C LEU B 277 18.23 1.91 11.25
S SO4 C . 4.03 12.23 -17.49
O1 SO4 C . 4.91 12.91 -16.55
O2 SO4 C . 3.67 13.13 -18.59
O3 SO4 C . 4.71 11.04 -18.04
O4 SO4 C . 2.79 11.80 -16.81
S SO4 D . -12.61 11.49 -25.70
O1 SO4 D . -12.77 11.95 -24.31
O2 SO4 D . -13.41 12.31 -26.60
O3 SO4 D . -11.19 11.55 -26.09
O4 SO4 D . -13.05 10.09 -25.81
S SO4 E . -4.19 -18.63 -11.88
O1 SO4 E . -3.03 -17.77 -12.20
O2 SO4 E . -5.37 -18.20 -12.65
O3 SO4 E . -4.46 -18.54 -10.44
O4 SO4 E . -3.88 -20.02 -12.26
S SO4 F . -17.02 13.99 -15.27
O1 SO4 F . -17.06 15.13 -14.34
O2 SO4 F . -17.72 14.33 -16.52
O3 SO4 F . -15.63 13.63 -15.61
O4 SO4 F . -17.66 12.82 -14.65
S SO4 G . -4.69 19.62 -15.55
O1 SO4 G . -4.67 21.09 -15.45
O2 SO4 G . -6.00 19.12 -15.08
O3 SO4 G . -3.63 19.06 -14.69
O4 SO4 G . -4.49 19.21 -16.95
C TAM H . -28.73 28.32 -3.50
C1 TAM H . -29.44 29.55 -2.87
C2 TAM H . -27.23 28.32 -3.12
C3 TAM H . -29.33 27.00 -2.95
C4 TAM H . -30.23 30.39 -3.84
C5 TAM H . -26.46 29.45 -3.74
C6 TAM H . -30.76 26.75 -3.32
N TAM H . -28.87 28.32 -4.98
O4 TAM H . -31.26 29.66 -4.49
O5 TAM H . -26.36 29.31 -5.15
O6 TAM H . -31.66 27.35 -2.41
S SO4 I . 0.92 -1.26 -21.72
O1 SO4 I . 2.05 -1.27 -20.77
O2 SO4 I . 0.12 -0.04 -21.55
O3 SO4 I . 1.43 -1.25 -23.12
O4 SO4 I . 0.09 -2.46 -21.53
S SO4 J . 13.97 -20.23 -7.64
O1 SO4 J . 15.05 -19.47 -7.01
O2 SO4 J . 12.64 -19.72 -7.24
O3 SO4 J . 14.07 -21.64 -7.19
O4 SO4 J . 14.09 -20.17 -9.11
S SO4 K . 20.97 -23.48 -3.05
O1 SO4 K . 21.39 -22.84 -1.80
O2 SO4 K . 19.51 -23.36 -3.19
O3 SO4 K . 21.64 -22.84 -4.20
O4 SO4 K . 21.37 -24.91 -3.01
S SO4 L . 4.91 6.37 6.17
O1 SO4 L . 4.21 6.56 7.45
O2 SO4 L . 4.52 7.43 5.23
O3 SO4 L . 6.36 6.40 6.39
O4 SO4 L . 4.54 5.05 5.62
S SO4 M . 16.92 -15.82 -13.03
O1 SO4 M . 16.47 -15.83 -11.63
O2 SO4 M . 17.41 -14.46 -13.35
O3 SO4 M . 15.81 -16.16 -13.92
O4 SO4 M . 18.03 -16.78 -13.20
N1 D0D N . 22.17 -5.71 1.46
N3 D0D N . 16.33 -10.67 7.69
C4 D0D N . 19.22 -8.25 4.60
C5 D0D N . 18.14 -8.21 5.44
C6 D0D N . 19.58 -7.10 3.76
C7 D0D N . 18.55 -6.21 3.46
C8 D0D N . 19.87 -5.03 2.01
C10 D0D N . 20.78 -7.00 3.06
C13 D0D N . 16.63 -9.48 7.07
C15 D0D N . 14.79 -8.65 9.58
C15 D0D N . 14.41 -7.03 8.77
C17 D0D N . 15.66 -8.23 11.79
C17 D0D N . 13.84 -4.75 8.22
C20 D0D N . 13.96 -9.66 10.09
C20 D0D N . 14.38 -6.71 10.12
C21 D0D N . 14.13 -6.79 8.11
C21 D0D N . 13.52 -9.20 7.83
CL D0D N . 20.03 -3.65 1.01
N D0D N . 18.69 -5.16 2.63
C9 D0D N . 20.97 -5.89 2.21
S D0D N . 22.61 -6.72 0.19
O1 D0D N . 23.26 -7.85 0.76
C11 D0D N . 23.76 -5.80 -0.60
O D0D N . 21.50 -6.88 -0.67
C3 D0D N . 19.93 -9.46 4.35
C2 D0D N . 19.60 -10.61 5.02
C D0D N . 17.76 -9.39 6.14
C12 D0D N . 17.15 -11.74 7.40
N2 D0D N . 18.19 -11.79 6.56
C1 D0D N . 18.49 -10.59 5.93
N4 D0D N . 15.92 -8.34 7.38
N4 D0D N . 15.86 -8.38 7.35
C14 D0D N . 14.65 -8.23 8.13
C14 D0D N . 14.75 -8.43 8.33
C19 D0D N . 14.04 -9.99 11.44
C19 D0D N . 14.06 -5.43 10.52
C18 D0D N . 14.88 -9.27 12.29
C18 D0D N . 13.79 -4.46 9.57
C16 D0D N . 15.60 -7.90 10.44
C16 D0D N . 14.14 -6.04 7.81
#